data_7QDO
#
_entry.id   7QDO
#
_cell.length_a   1.00
_cell.length_b   1.00
_cell.length_c   1.00
_cell.angle_alpha   90.00
_cell.angle_beta   90.00
_cell.angle_gamma   90.00
#
_symmetry.space_group_name_H-M   'P 1'
#
_entity_poly.entity_id   1
_entity_poly.type   'polypeptide(L)'
_entity_poly.pdbx_seq_one_letter_code
;MGILPSPGMPALLSLVSLLSVLLMGCVAETGVIAELPPKVSVFVPPRDGFFGNPRKSKLICQATGFSPRQIQVSWLREGK
QVGSGVTTDQVQAEAKESGPTTYKVTSTLTIKESDWLSQSMFTCRVDHRGLTFQQNASSMCVPDQDTAIRVFAIPPSFAS
IFLTKSTKLTCLVTDLTTYDSVTISWTRQNGEAVKTHTNISESHPNATFSAVGEASISEDDWNSGERFTCTVTHTDLPSP
LKQTISRPKGVALHRPDVYLLPPAREQLNLRESATITCLVTGFSPADVFVQWMQRGQPLSPEKYVTSAPMPEPQAPGRYF
AHSILTVSEEEWNTGETYTCVVAHEALPNRVTERTVDKSTEGEVSADEEGFENEIAQLEYEISQLEQEIQALESGGGSGG
GSENLYFQGGGSWSHPQFEKGGGSGGGSGGSAWSHPQFEK
;
_entity_poly.pdbx_strand_id   B,A
#
# COMPACT_ATOMS: atom_id res chain seq x y z
N ILE A 149 20.44 9.82 12.68
CA ILE A 149 20.38 11.27 12.85
C ILE A 149 19.59 11.91 11.71
N ARG A 150 18.26 11.84 11.81
CA ARG A 150 17.37 12.39 10.79
C ARG A 150 16.27 13.21 11.46
N VAL A 151 15.76 14.18 10.71
CA VAL A 151 14.62 15.01 11.11
C VAL A 151 13.74 15.17 9.88
N PHE A 152 12.64 14.44 9.82
CA PHE A 152 11.80 14.41 8.63
C PHE A 152 10.63 15.36 8.82
N ALA A 153 10.36 16.16 7.78
CA ALA A 153 9.28 17.13 7.79
C ALA A 153 8.09 16.61 7.00
N ILE A 154 6.93 17.19 7.28
CA ILE A 154 5.67 16.77 6.68
C ILE A 154 5.14 17.94 5.86
N PRO A 155 5.30 17.90 4.54
CA PRO A 155 4.68 18.92 3.71
C PRO A 155 3.17 18.82 3.78
N PRO A 156 2.47 19.94 3.65
CA PRO A 156 1.00 19.89 3.73
C PRO A 156 0.43 19.09 2.58
N SER A 157 -0.50 18.20 2.92
CA SER A 157 -1.21 17.41 1.93
C SER A 157 -2.46 18.15 1.48
N PHE A 158 -2.77 18.02 0.19
CA PHE A 158 -3.95 18.70 -0.33
C PHE A 158 -5.21 18.26 0.39
N ALA A 159 -5.21 17.03 0.93
CA ALA A 159 -6.33 16.58 1.73
C ALA A 159 -6.55 17.48 2.93
N SER A 160 -5.49 17.70 3.72
CA SER A 160 -5.61 18.55 4.89
C SER A 160 -5.91 19.99 4.49
N ILE A 161 -5.30 20.47 3.41
CA ILE A 161 -5.51 21.85 2.98
C ILE A 161 -6.98 22.07 2.63
N PHE A 162 -7.57 21.15 1.88
CA PHE A 162 -8.98 21.28 1.53
C PHE A 162 -9.89 21.05 2.73
N LEU A 163 -9.49 20.19 3.66
CA LEU A 163 -10.34 19.91 4.81
C LEU A 163 -10.41 21.10 5.76
N THR A 164 -9.28 21.78 6.00
CA THR A 164 -9.22 22.82 7.01
C THR A 164 -9.18 24.24 6.46
N LYS A 165 -9.00 24.42 5.15
CA LYS A 165 -8.92 25.75 4.54
C LYS A 165 -7.81 26.58 5.18
N SER A 166 -6.71 25.93 5.52
CA SER A 166 -5.62 26.59 6.26
C SER A 166 -4.37 25.74 6.06
N THR A 167 -3.33 26.35 5.49
CA THR A 167 -2.08 25.64 5.24
C THR A 167 -1.15 25.73 6.44
N LYS A 168 -0.69 24.56 6.90
CA LYS A 168 0.27 24.44 7.98
C LYS A 168 1.53 23.75 7.47
N LEU A 169 2.63 23.91 8.20
CA LEU A 169 3.86 23.18 7.98
C LEU A 169 4.18 22.39 9.23
N THR A 170 4.77 21.21 9.07
CA THR A 170 5.04 20.33 10.18
C THR A 170 6.37 19.61 9.98
N CYS A 171 7.16 19.49 11.05
CA CYS A 171 8.37 18.69 11.00
C CYS A 171 8.60 18.01 12.35
N LEU A 172 9.11 16.78 12.27
CA LEU A 172 9.32 15.92 13.44
C LEU A 172 10.76 15.44 13.48
N VAL A 173 11.23 15.12 14.68
CA VAL A 173 12.59 14.65 14.91
C VAL A 173 12.59 13.14 15.05
N THR A 174 13.68 12.50 14.63
CA THR A 174 13.83 11.05 14.78
C THR A 174 15.31 10.71 14.93
N ASP A 175 15.57 9.43 15.25
CA ASP A 175 16.92 8.87 15.30
C ASP A 175 17.81 9.58 16.32
N LEU A 176 17.21 10.27 17.29
CA LEU A 176 17.95 10.95 18.34
C LEU A 176 17.40 10.54 19.70
N THR A 177 18.31 10.41 20.68
CA THR A 177 17.92 10.01 22.03
C THR A 177 17.08 11.11 22.67
N THR A 178 16.13 10.70 23.52
CA THR A 178 15.27 11.65 24.22
C THR A 178 16.10 12.58 25.10
N TYR A 179 15.78 13.86 25.03
CA TYR A 179 16.49 14.89 25.79
C TYR A 179 15.53 16.04 26.04
N ASP A 180 16.06 17.21 26.38
CA ASP A 180 15.25 18.41 26.57
C ASP A 180 16.04 19.59 26.01
N SER A 181 15.53 20.80 26.27
CA SER A 181 16.15 22.05 25.82
C SER A 181 16.29 22.07 24.30
N VAL A 182 15.17 21.89 23.60
CA VAL A 182 15.13 21.87 22.14
C VAL A 182 14.14 22.94 21.68
N THR A 183 14.54 23.75 20.72
CA THR A 183 13.69 24.79 20.16
C THR A 183 13.53 24.58 18.66
N ILE A 184 12.31 24.74 18.17
CA ILE A 184 11.97 24.54 16.78
C ILE A 184 11.47 25.86 16.20
N SER A 185 12.08 26.28 15.10
CA SER A 185 11.69 27.52 14.44
C SER A 185 11.68 27.31 12.93
N TRP A 186 10.69 27.91 12.27
CA TRP A 186 10.55 27.87 10.83
C TRP A 186 11.15 29.12 10.21
N THR A 187 11.97 28.93 9.19
CA THR A 187 12.59 30.01 8.45
C THR A 187 12.32 29.82 6.96
N ARG A 188 11.89 30.88 6.29
CA ARG A 188 11.56 30.80 4.88
C ARG A 188 12.82 31.03 4.04
N GLN A 189 12.65 31.13 2.73
CA GLN A 189 13.79 31.26 1.83
C GLN A 189 14.55 32.56 2.07
N ASN A 190 13.83 33.67 2.27
CA ASN A 190 14.49 34.95 2.46
C ASN A 190 15.32 34.97 3.75
N GLY A 191 14.76 34.48 4.85
CA GLY A 191 15.49 34.43 6.09
C GLY A 191 14.68 34.81 7.31
N GLU A 192 13.56 35.50 7.10
CA GLU A 192 12.73 35.92 8.22
C GLU A 192 11.96 34.74 8.79
N ALA A 193 11.48 34.90 10.01
CA ALA A 193 10.79 33.86 10.74
C ALA A 193 9.28 34.02 10.62
N VAL A 194 8.55 33.05 11.18
CA VAL A 194 7.08 33.06 11.15
C VAL A 194 6.56 32.75 12.55
N LYS A 195 5.24 32.60 12.67
CA LYS A 195 4.60 32.44 13.96
C LYS A 195 5.18 31.26 14.74
N THR A 196 5.10 31.37 16.07
CA THR A 196 5.70 30.38 16.97
C THR A 196 4.88 29.10 17.00
N HIS A 197 5.58 27.97 17.09
CA HIS A 197 4.93 26.68 17.19
C HIS A 197 4.27 26.49 18.56
N THR A 198 3.42 25.47 18.65
CA THR A 198 2.75 25.11 19.88
C THR A 198 2.69 23.59 19.98
N ASN A 199 2.08 23.10 21.07
CA ASN A 199 1.81 21.68 21.28
C ASN A 199 3.10 20.85 21.26
N ILE A 200 3.94 21.11 22.26
CA ILE A 200 5.18 20.36 22.41
C ILE A 200 4.87 18.88 22.54
N SER A 201 5.59 18.07 21.77
CA SER A 201 5.35 16.63 21.73
C SER A 201 6.10 15.94 22.87
N GLU A 202 6.10 14.62 22.86
CA GLU A 202 6.77 13.78 23.84
C GLU A 202 7.82 12.92 23.15
N SER A 203 8.39 11.98 23.90
CA SER A 203 9.41 11.07 23.38
C SER A 203 8.79 9.71 23.11
N HIS A 204 9.06 9.16 21.93
CA HIS A 204 8.63 7.81 21.62
C HIS A 204 9.33 6.81 22.54
N PRO A 205 8.68 5.70 22.88
CA PRO A 205 9.30 4.72 23.78
C PRO A 205 10.32 3.82 23.12
N ASN A 206 10.78 4.12 21.91
CA ASN A 206 11.74 3.30 21.19
C ASN A 206 13.11 3.98 21.10
N ALA A 207 13.51 4.65 22.18
CA ALA A 207 14.79 5.36 22.26
C ALA A 207 14.93 6.38 21.12
N THR A 208 13.83 7.04 20.80
CA THR A 208 13.79 8.06 19.76
C THR A 208 13.07 9.30 20.29
N PHE A 209 13.61 10.46 19.96
CA PHE A 209 13.03 11.74 20.37
C PHE A 209 12.40 12.43 19.17
N SER A 210 11.27 13.07 19.43
CA SER A 210 10.52 13.75 18.38
C SER A 210 9.97 15.07 18.91
N ALA A 211 10.08 16.11 18.08
CA ALA A 211 9.50 17.41 18.39
C ALA A 211 8.68 17.87 17.20
N VAL A 212 7.49 18.41 17.48
CA VAL A 212 6.56 18.85 16.45
C VAL A 212 6.43 20.37 16.51
N GLY A 213 6.42 21.00 15.34
CA GLY A 213 6.31 22.45 15.24
C GLY A 213 5.31 22.86 14.19
N GLU A 214 4.49 23.87 14.49
CA GLU A 214 3.44 24.32 13.58
C GLU A 214 3.73 25.74 13.10
N ALA A 215 3.33 26.01 11.86
CA ALA A 215 3.46 27.34 11.28
C ALA A 215 2.36 27.53 10.25
N SER A 216 1.59 28.58 10.38
CA SER A 216 0.49 28.87 9.47
C SER A 216 0.98 29.84 8.40
N ILE A 217 0.74 29.50 7.14
CA ILE A 217 1.18 30.29 6.01
C ILE A 217 0.04 30.42 5.01
N SER A 218 0.19 31.36 4.09
CA SER A 218 -0.74 31.46 2.98
C SER A 218 -0.49 30.33 1.99
N GLU A 219 -1.51 30.01 1.19
CA GLU A 219 -1.35 28.93 0.21
C GLU A 219 -0.66 29.41 -1.06
N ASP A 220 -0.65 30.72 -1.33
CA ASP A 220 -0.09 31.21 -2.58
C ASP A 220 1.42 30.96 -2.65
N ASP A 221 2.14 31.27 -1.58
CA ASP A 221 3.58 31.05 -1.57
C ASP A 221 3.92 29.56 -1.66
N TRP A 222 3.17 28.72 -0.95
CA TRP A 222 3.41 27.29 -1.01
C TRP A 222 3.17 26.75 -2.41
N ASN A 223 2.11 27.21 -3.07
CA ASN A 223 1.85 26.80 -4.45
C ASN A 223 2.95 27.29 -5.38
N SER A 224 3.45 28.50 -5.12
CA SER A 224 4.55 29.03 -5.94
C SER A 224 5.80 28.17 -5.80
N GLY A 225 6.13 27.75 -4.58
CA GLY A 225 7.27 26.90 -4.36
C GLY A 225 8.39 27.51 -3.55
N GLU A 226 8.08 28.41 -2.62
CA GLU A 226 9.11 29.05 -1.82
C GLU A 226 9.86 28.03 -0.97
N ARG A 227 11.15 28.26 -0.80
CA ARG A 227 12.00 27.36 -0.03
C ARG A 227 11.76 27.57 1.46
N PHE A 228 11.34 26.52 2.15
CA PHE A 228 10.96 26.58 3.56
C PHE A 228 11.76 25.54 4.32
N THR A 229 12.09 25.86 5.58
CA THR A 229 12.89 24.98 6.42
C THR A 229 12.65 25.30 7.89
N CYS A 230 12.50 24.27 8.72
CA CYS A 230 12.43 24.44 10.16
C CYS A 230 13.79 24.17 10.77
N THR A 231 14.13 24.89 11.83
CA THR A 231 15.44 24.80 12.47
C THR A 231 15.33 23.95 13.73
N VAL A 232 16.24 22.99 13.87
CA VAL A 232 16.28 22.11 15.03
C VAL A 232 17.64 22.25 15.72
N THR A 233 17.61 22.43 17.03
CA THR A 233 18.82 22.54 17.84
C THR A 233 18.85 21.42 18.87
N HIS A 234 20.01 20.79 19.02
CA HIS A 234 20.17 19.71 19.97
C HIS A 234 21.54 19.84 20.64
N THR A 235 21.85 18.89 21.52
CA THR A 235 23.07 18.96 22.30
C THR A 235 24.25 18.32 21.57
N ASP A 236 24.09 17.07 21.12
CA ASP A 236 25.22 16.35 20.52
C ASP A 236 25.65 16.97 19.20
N LEU A 237 24.68 17.38 18.37
CA LEU A 237 25.02 17.96 17.08
C LEU A 237 25.76 19.29 17.27
N PRO A 238 26.83 19.54 16.51
CA PRO A 238 27.55 20.81 16.66
C PRO A 238 26.85 21.96 15.94
N SER A 239 26.22 21.68 14.81
CA SER A 239 25.54 22.69 14.03
C SER A 239 24.09 22.29 13.82
N PRO A 240 23.14 23.22 14.00
CA PRO A 240 21.72 22.87 13.80
C PRO A 240 21.47 22.39 12.38
N LEU A 241 20.60 21.38 12.26
CA LEU A 241 20.34 20.76 10.98
C LEU A 241 19.14 21.41 10.31
N LYS A 242 19.24 21.60 9.00
CA LYS A 242 18.20 22.23 8.19
C LYS A 242 17.59 21.20 7.27
N GLN A 243 16.27 21.27 7.10
CA GLN A 243 15.51 20.27 6.34
C GLN A 243 14.74 20.99 5.24
N THR A 244 15.23 20.87 4.01
CA THR A 244 14.62 21.58 2.90
C THR A 244 13.30 20.94 2.48
N ILE A 245 12.26 21.77 2.37
CA ILE A 245 10.92 21.32 1.97
C ILE A 245 10.37 22.31 0.96
N SER A 246 9.86 21.78 -0.16
CA SER A 246 9.27 22.64 -1.22
C SER A 246 8.43 21.78 -2.18
N ARG A 247 7.40 22.37 -2.79
CA ARG A 247 6.55 21.63 -3.75
C ARG A 247 6.66 22.25 -5.14
N PRO A 248 7.00 21.50 -6.21
CA PRO A 248 7.21 22.07 -7.55
C PRO A 248 5.92 22.31 -8.35
N LYS A 249 6.06 22.59 -9.65
CA LYS A 249 4.87 22.88 -10.51
C LYS A 249 4.93 22.07 -11.81
N GLY A 250 6.12 21.60 -12.19
CA GLY A 250 6.28 20.86 -13.47
C GLY A 250 5.46 19.59 -13.47
N VAL A 251 4.99 19.17 -12.30
CA VAL A 251 4.09 17.97 -12.24
C VAL A 251 2.86 18.27 -13.09
N ALA A 252 2.44 17.33 -13.93
CA ALA A 252 1.25 17.54 -14.80
C ALA A 252 0.02 17.78 -13.92
N LEU A 253 -1.00 18.44 -14.47
CA LEU A 253 -2.23 18.74 -13.68
C LEU A 253 -3.46 18.32 -14.49
N HIS A 254 -3.71 17.00 -14.60
CA HIS A 254 -4.90 16.50 -15.33
C HIS A 254 -6.04 16.28 -14.33
N ARG A 255 -7.27 16.66 -14.71
CA ARG A 255 -8.40 16.42 -13.83
C ARG A 255 -8.74 14.93 -13.79
N PRO A 256 -9.09 14.41 -12.62
CA PRO A 256 -9.48 13.00 -12.51
C PRO A 256 -10.93 12.77 -12.92
N ASP A 257 -11.27 11.49 -13.01
CA ASP A 257 -12.63 11.04 -13.30
C ASP A 257 -13.11 10.19 -12.13
N VAL A 258 -14.41 10.21 -11.88
CA VAL A 258 -14.99 9.53 -10.72
C VAL A 258 -15.95 8.45 -11.19
N TYR A 259 -15.84 7.27 -10.60
CA TYR A 259 -16.73 6.15 -10.90
C TYR A 259 -17.18 5.49 -9.61
N LEU A 260 -18.47 5.20 -9.51
CA LEU A 260 -19.02 4.49 -8.35
C LEU A 260 -19.51 3.11 -8.78
N LEU A 261 -19.18 2.10 -7.98
CA LEU A 261 -19.50 0.71 -8.29
C LEU A 261 -20.44 0.14 -7.24
N PRO A 262 -21.65 -0.28 -7.61
CA PRO A 262 -22.55 -0.90 -6.65
C PRO A 262 -22.10 -2.30 -6.29
N PRO A 263 -22.57 -2.84 -5.17
CA PRO A 263 -22.16 -4.19 -4.78
C PRO A 263 -22.68 -5.25 -5.74
N ALA A 264 -21.98 -6.39 -5.77
CA ALA A 264 -22.35 -7.47 -6.67
C ALA A 264 -23.70 -8.06 -6.28
N ARG A 265 -24.40 -8.59 -7.28
CA ARG A 265 -25.67 -9.25 -7.01
C ARG A 265 -25.46 -10.46 -6.11
N GLU A 266 -24.34 -11.16 -6.27
CA GLU A 266 -24.14 -12.41 -5.56
C GLU A 266 -23.67 -12.22 -4.12
N GLN A 267 -23.10 -11.06 -3.79
CA GLN A 267 -22.80 -10.77 -2.39
C GLN A 267 -24.06 -10.53 -1.57
N LEU A 268 -25.12 -10.00 -2.20
CA LEU A 268 -26.37 -9.77 -1.48
C LEU A 268 -27.25 -11.01 -1.48
N ASN A 269 -26.67 -12.14 -1.07
CA ASN A 269 -27.41 -13.38 -0.92
C ASN A 269 -27.09 -13.99 0.42
N LEU A 270 -25.94 -13.60 0.98
CA LEU A 270 -25.59 -14.00 2.34
C LEU A 270 -26.28 -13.12 3.38
N ARG A 271 -26.86 -12.00 2.96
CA ARG A 271 -27.66 -11.13 3.82
C ARG A 271 -26.84 -10.65 5.03
N GLU A 272 -25.54 -10.45 4.82
CA GLU A 272 -24.67 -10.12 5.94
C GLU A 272 -23.98 -8.77 5.79
N SER A 273 -23.52 -8.43 4.59
CA SER A 273 -22.83 -7.16 4.38
C SER A 273 -22.94 -6.77 2.90
N ALA A 274 -22.46 -5.58 2.59
CA ALA A 274 -22.37 -5.09 1.22
C ALA A 274 -21.21 -4.12 1.12
N THR A 275 -20.70 -3.94 -0.09
CA THR A 275 -19.51 -3.12 -0.33
C THR A 275 -19.73 -2.24 -1.56
N ILE A 276 -19.45 -0.95 -1.41
CA ILE A 276 -19.57 0.02 -2.48
C ILE A 276 -18.19 0.63 -2.75
N THR A 277 -17.81 0.68 -4.02
CA THR A 277 -16.49 1.13 -4.43
C THR A 277 -16.57 2.42 -5.22
N CYS A 278 -15.82 3.44 -4.79
CA CYS A 278 -15.69 4.70 -5.49
C CYS A 278 -14.31 4.72 -6.14
N LEU A 279 -14.28 4.88 -7.46
CA LEU A 279 -13.08 4.65 -8.26
C LEU A 279 -12.66 5.94 -8.94
N VAL A 280 -11.43 6.37 -8.72
CA VAL A 280 -10.89 7.61 -9.26
C VAL A 280 -9.66 7.30 -10.09
N THR A 281 -9.66 7.73 -11.35
CA THR A 281 -8.59 7.40 -12.28
C THR A 281 -8.16 8.62 -13.07
N GLY A 282 -6.86 8.71 -13.34
CA GLY A 282 -6.31 9.68 -14.26
C GLY A 282 -6.13 11.09 -13.72
N PHE A 283 -5.27 11.26 -12.73
CA PHE A 283 -4.97 12.59 -12.21
C PHE A 283 -3.48 12.72 -11.95
N SER A 284 -3.02 13.98 -11.89
CA SER A 284 -1.65 14.31 -11.54
C SER A 284 -1.66 15.70 -10.91
N PRO A 285 -0.87 15.94 -9.86
CA PRO A 285 0.08 15.06 -9.16
C PRO A 285 -0.61 14.07 -8.21
N ALA A 286 0.16 13.60 -7.23
CA ALA A 286 -0.24 12.46 -6.39
C ALA A 286 -0.90 12.89 -5.09
N ASP A 287 -1.71 13.94 -5.10
CA ASP A 287 -2.43 14.40 -3.91
C ASP A 287 -3.92 14.37 -4.19
N VAL A 288 -4.66 13.54 -3.46
CA VAL A 288 -6.10 13.43 -3.60
C VAL A 288 -6.73 13.33 -2.22
N PHE A 289 -8.02 13.66 -2.14
CA PHE A 289 -8.81 13.59 -0.93
C PHE A 289 -10.17 12.99 -1.25
N VAL A 290 -10.55 11.94 -0.53
CA VAL A 290 -11.84 11.28 -0.72
C VAL A 290 -12.52 11.16 0.62
N GLN A 291 -13.82 11.43 0.66
CA GLN A 291 -14.61 11.22 1.86
C GLN A 291 -16.01 10.79 1.45
N TRP A 292 -16.71 10.15 2.37
CA TRP A 292 -18.02 9.59 2.12
C TRP A 292 -19.08 10.39 2.87
N MET A 293 -20.19 10.67 2.19
CA MET A 293 -21.25 11.53 2.71
C MET A 293 -22.55 10.76 2.74
N GLN A 294 -23.24 10.80 3.87
CA GLN A 294 -24.56 10.19 4.00
C GLN A 294 -25.58 11.27 4.34
N ARG A 295 -26.66 11.33 3.56
CA ARG A 295 -27.73 12.34 3.80
C ARG A 295 -27.10 13.67 4.23
N GLY A 296 -26.09 14.13 3.49
CA GLY A 296 -25.48 15.41 3.79
C GLY A 296 -24.68 15.46 5.07
N GLN A 297 -24.50 14.34 5.76
CA GLN A 297 -23.78 14.30 7.01
C GLN A 297 -22.57 13.37 6.87
N PRO A 298 -21.37 13.84 7.19
CA PRO A 298 -20.17 13.01 6.98
C PRO A 298 -20.18 11.77 7.85
N LEU A 299 -19.69 10.67 7.28
CA LEU A 299 -19.58 9.42 8.00
C LEU A 299 -18.25 9.34 8.73
N SER A 300 -18.20 8.51 9.75
CA SER A 300 -17.00 8.38 10.55
C SER A 300 -15.89 7.75 9.71
N PRO A 301 -14.63 8.18 9.90
CA PRO A 301 -13.53 7.62 9.10
C PRO A 301 -13.15 6.20 9.48
N GLU A 302 -13.94 5.50 10.29
CA GLU A 302 -13.66 4.14 10.69
C GLU A 302 -14.51 3.12 9.95
N LYS A 303 -15.26 3.54 8.94
CA LYS A 303 -16.14 2.61 8.23
C LYS A 303 -15.76 2.45 6.77
N TYR A 304 -14.71 3.13 6.31
CA TYR A 304 -14.26 3.01 4.92
C TYR A 304 -12.74 3.04 4.89
N VAL A 305 -12.18 2.44 3.84
CA VAL A 305 -10.74 2.37 3.66
C VAL A 305 -10.38 2.96 2.31
N THR A 306 -9.37 3.83 2.27
CA THR A 306 -8.94 4.52 1.07
C THR A 306 -7.54 4.08 0.70
N SER A 307 -7.34 3.74 -0.57
CA SER A 307 -6.06 3.30 -1.08
C SER A 307 -5.14 4.51 -1.28
N ALA A 308 -3.85 4.23 -1.38
CA ALA A 308 -2.91 5.29 -1.69
C ALA A 308 -2.81 5.50 -3.20
N PRO A 309 -2.45 6.71 -3.66
CA PRO A 309 -2.34 6.94 -5.10
C PRO A 309 -1.18 6.17 -5.71
N MET A 310 -1.50 5.17 -6.53
CA MET A 310 -0.55 4.28 -7.18
C MET A 310 -0.70 4.33 -8.69
N PRO A 311 0.42 4.26 -9.44
CA PRO A 311 0.40 4.65 -10.85
C PRO A 311 -0.30 3.65 -11.75
N GLU A 312 -0.84 4.16 -12.86
CA GLU A 312 -1.39 3.31 -13.90
C GLU A 312 -0.27 2.69 -14.72
N PRO A 313 -0.36 1.40 -15.07
CA PRO A 313 0.62 0.85 -16.02
C PRO A 313 0.56 1.49 -17.39
N GLN A 314 -0.63 1.89 -17.85
CA GLN A 314 -0.80 2.40 -19.22
C GLN A 314 -0.68 3.92 -19.28
N ALA A 315 0.39 4.47 -18.70
CA ALA A 315 0.61 5.91 -18.72
C ALA A 315 2.00 6.22 -18.17
N PRO A 316 2.69 7.22 -18.73
CA PRO A 316 3.99 7.61 -18.17
C PRO A 316 3.86 8.15 -16.75
N GLY A 317 3.09 9.23 -16.59
CA GLY A 317 2.75 9.68 -15.26
C GLY A 317 1.29 10.02 -15.09
N ARG A 318 0.57 9.20 -14.34
CA ARG A 318 -0.83 9.31 -13.95
C ARG A 318 -1.06 8.34 -12.82
N TYR A 319 -2.12 8.54 -12.06
CA TYR A 319 -2.38 7.71 -10.89
C TYR A 319 -3.85 7.36 -10.79
N PHE A 320 -4.15 6.49 -9.82
CA PHE A 320 -5.53 6.18 -9.48
C PHE A 320 -5.57 5.79 -8.01
N ALA A 321 -6.77 5.77 -7.45
CA ALA A 321 -6.96 5.37 -6.06
C ALA A 321 -8.35 4.76 -5.92
N HIS A 322 -8.54 4.01 -4.83
CA HIS A 322 -9.78 3.28 -4.62
C HIS A 322 -10.26 3.51 -3.19
N SER A 323 -11.57 3.32 -3.00
CA SER A 323 -12.15 3.36 -1.66
C SER A 323 -13.39 2.48 -1.65
N ILE A 324 -13.54 1.69 -0.59
CA ILE A 324 -14.71 0.82 -0.42
C ILE A 324 -15.30 1.07 0.95
N LEU A 325 -16.63 1.06 1.02
CA LEU A 325 -17.38 1.31 2.24
C LEU A 325 -18.22 0.09 2.56
N THR A 326 -18.28 -0.29 3.83
CA THR A 326 -19.01 -1.47 4.27
C THR A 326 -20.31 -1.04 4.93
N VAL A 327 -21.43 -1.51 4.38
CA VAL A 327 -22.74 -1.20 4.92
C VAL A 327 -23.51 -2.51 5.11
N SER A 328 -24.77 -2.40 5.53
CA SER A 328 -25.63 -3.57 5.68
C SER A 328 -26.66 -3.61 4.57
N GLU A 329 -27.02 -4.82 4.17
CA GLU A 329 -27.98 -5.00 3.03
C GLU A 329 -29.25 -4.18 3.30
N GLU A 330 -29.93 -4.45 4.41
CA GLU A 330 -31.21 -3.74 4.68
C GLU A 330 -30.98 -2.24 4.44
N GLU A 331 -29.76 -1.77 4.70
CA GLU A 331 -29.43 -0.34 4.45
C GLU A 331 -29.30 -0.11 2.94
N TRP A 332 -28.50 -0.92 2.26
CA TRP A 332 -28.27 -0.70 0.80
C TRP A 332 -29.58 -0.91 0.04
N ASN A 333 -30.28 -2.00 0.31
CA ASN A 333 -31.54 -2.30 -0.44
C ASN A 333 -32.62 -1.30 -0.02
N THR A 334 -32.68 -0.95 1.27
CA THR A 334 -33.73 -0.04 1.77
C THR A 334 -33.13 0.94 2.80
N GLY A 335 -32.34 1.90 2.33
CA GLY A 335 -31.74 2.90 3.23
C GLY A 335 -31.58 4.25 2.55
N GLU A 336 -30.32 4.68 2.35
CA GLU A 336 -30.06 6.00 1.70
C GLU A 336 -28.87 5.88 0.75
N THR A 337 -28.46 7.00 0.14
CA THR A 337 -27.32 7.00 -0.81
C THR A 337 -26.05 7.50 -0.10
N TYR A 338 -24.92 6.81 -0.30
CA TYR A 338 -23.63 7.22 0.31
C TYR A 338 -22.76 7.88 -0.76
N THR A 339 -22.97 9.18 -1.02
CA THR A 339 -22.19 9.87 -2.03
C THR A 339 -20.72 9.92 -1.67
N CYS A 340 -19.86 9.70 -2.67
CA CYS A 340 -18.43 9.85 -2.52
C CYS A 340 -18.01 11.14 -3.21
N VAL A 341 -17.35 12.02 -2.46
CA VAL A 341 -16.94 13.33 -2.95
C VAL A 341 -15.42 13.39 -2.91
N VAL A 342 -14.82 13.80 -4.02
CA VAL A 342 -13.37 13.80 -4.19
C VAL A 342 -12.92 15.22 -4.47
N ALA A 343 -11.80 15.61 -3.86
CA ALA A 343 -11.25 16.95 -4.01
C ALA A 343 -9.84 16.84 -4.58
N HIS A 344 -9.66 17.31 -5.81
CA HIS A 344 -8.35 17.34 -6.46
C HIS A 344 -8.05 18.76 -6.91
N GLU A 345 -6.78 19.13 -6.81
CA GLU A 345 -6.34 20.50 -7.09
C GLU A 345 -6.37 20.84 -8.57
N ALA A 346 -6.59 19.88 -9.46
CA ALA A 346 -6.75 20.14 -10.87
C ALA A 346 -8.20 20.35 -11.27
N LEU A 347 -9.13 20.13 -10.36
CA LEU A 347 -10.53 20.32 -10.65
C LEU A 347 -10.89 21.79 -10.67
N PRO A 348 -11.97 22.17 -11.40
CA PRO A 348 -12.36 23.59 -11.45
C PRO A 348 -12.74 24.15 -10.10
N ASN A 349 -13.68 23.51 -9.42
CA ASN A 349 -14.13 23.94 -8.10
C ASN A 349 -13.55 23.07 -6.98
N ARG A 350 -12.66 22.15 -7.31
CA ARG A 350 -12.02 21.23 -6.36
C ARG A 350 -13.03 20.31 -5.66
N VAL A 351 -14.26 20.21 -6.18
CA VAL A 351 -15.27 19.36 -5.56
C VAL A 351 -16.04 18.63 -6.67
N THR A 352 -16.27 17.34 -6.44
CA THR A 352 -17.05 16.53 -7.37
C THR A 352 -17.78 15.45 -6.58
N GLU A 353 -19.09 15.34 -6.81
CA GLU A 353 -19.92 14.39 -6.10
C GLU A 353 -20.62 13.46 -7.08
N ARG A 354 -20.77 12.19 -6.69
CA ARG A 354 -21.54 11.22 -7.44
C ARG A 354 -22.50 10.51 -6.49
N THR A 355 -23.64 10.08 -7.04
CA THR A 355 -24.71 9.49 -6.25
C THR A 355 -25.03 8.10 -6.78
N VAL A 356 -25.18 7.14 -5.85
CA VAL A 356 -25.51 5.77 -6.20
C VAL A 356 -26.58 5.25 -5.23
N ASP A 357 -27.58 4.57 -5.77
CA ASP A 357 -28.69 4.05 -4.98
C ASP A 357 -28.96 2.60 -5.37
N LYS A 358 -30.07 2.06 -4.86
CA LYS A 358 -30.44 0.67 -5.21
C LYS A 358 -30.88 0.62 -6.67
N SER A 359 -31.62 1.63 -7.14
CA SER A 359 -32.13 1.64 -8.51
C SER A 359 -31.35 2.70 -9.29
N THR A 360 -30.25 2.27 -9.90
CA THR A 360 -29.42 3.17 -10.68
C THR A 360 -29.31 2.69 -12.13
N ILE B 149 23.81 -2.77 10.02
CA ILE B 149 24.26 -4.15 10.06
C ILE B 149 23.09 -5.10 10.19
N ARG B 150 22.41 -5.36 9.07
CA ARG B 150 21.25 -6.24 9.03
C ARG B 150 21.37 -7.22 7.87
N VAL B 151 20.72 -8.37 8.03
CA VAL B 151 20.62 -9.38 6.99
C VAL B 151 19.21 -9.92 7.04
N PHE B 152 18.37 -9.49 6.11
CA PHE B 152 16.96 -9.83 6.13
C PHE B 152 16.67 -11.00 5.21
N ALA B 153 15.90 -11.97 5.70
CA ALA B 153 15.56 -13.17 4.98
C ALA B 153 14.15 -13.07 4.42
N ILE B 154 13.87 -13.88 3.41
CA ILE B 154 12.60 -13.87 2.71
C ILE B 154 11.93 -15.21 2.91
N PRO B 155 10.95 -15.30 3.82
CA PRO B 155 10.20 -16.53 3.95
C PRO B 155 9.41 -16.81 2.69
N PRO B 156 9.19 -18.07 2.35
CA PRO B 156 8.44 -18.39 1.14
C PRO B 156 7.00 -17.90 1.25
N SER B 157 6.54 -17.23 0.21
CA SER B 157 5.17 -16.77 0.11
C SER B 157 4.30 -17.86 -0.52
N PHE B 158 3.07 -17.96 -0.04
CA PHE B 158 2.16 -18.98 -0.56
C PHE B 158 1.95 -18.78 -2.05
N ALA B 159 2.07 -17.53 -2.53
CA ALA B 159 1.98 -17.27 -3.96
C ALA B 159 3.05 -18.04 -4.72
N SER B 160 4.30 -17.89 -4.31
CA SER B 160 5.39 -18.60 -4.99
C SER B 160 5.25 -20.10 -4.81
N ILE B 161 4.85 -20.54 -3.62
CA ILE B 161 4.73 -21.98 -3.36
C ILE B 161 3.69 -22.60 -4.30
N PHE B 162 2.54 -21.95 -4.44
CA PHE B 162 1.52 -22.47 -5.34
C PHE B 162 1.92 -22.32 -6.80
N LEU B 163 2.67 -21.28 -7.15
CA LEU B 163 3.05 -21.09 -8.54
C LEU B 163 4.07 -22.13 -9.01
N THR B 164 5.03 -22.46 -8.15
CA THR B 164 6.14 -23.33 -8.56
C THR B 164 6.07 -24.75 -8.03
N LYS B 165 5.16 -25.04 -7.09
CA LYS B 165 5.05 -26.38 -6.50
C LYS B 165 6.37 -26.83 -5.89
N SER B 166 7.10 -25.87 -5.29
CA SER B 166 8.43 -26.15 -4.77
C SER B 166 8.78 -25.05 -3.76
N THR B 167 9.05 -25.44 -2.52
CA THR B 167 9.36 -24.50 -1.46
C THR B 167 10.84 -24.19 -1.42
N LYS B 168 11.18 -22.89 -1.48
CA LYS B 168 12.54 -22.40 -1.37
C LYS B 168 12.65 -21.49 -0.15
N LEU B 169 13.88 -21.29 0.31
CA LEU B 169 14.20 -20.30 1.32
C LEU B 169 15.20 -19.31 0.74
N THR B 170 15.09 -18.04 1.16
CA THR B 170 15.92 -16.99 0.59
C THR B 170 16.30 -16.00 1.68
N CYS B 171 17.57 -15.56 1.66
CA CYS B 171 18.00 -14.49 2.55
C CYS B 171 19.03 -13.61 1.86
N LEU B 172 18.95 -12.31 2.14
CA LEU B 172 19.78 -11.30 1.51
C LEU B 172 20.49 -10.46 2.57
N VAL B 173 21.63 -9.89 2.19
CA VAL B 173 22.45 -9.07 3.08
C VAL B 173 22.18 -7.61 2.81
N THR B 174 22.30 -6.77 3.84
CA THR B 174 22.14 -5.33 3.68
C THR B 174 22.99 -4.61 4.73
N ASP B 175 23.07 -3.29 4.59
CA ASP B 175 23.72 -2.40 5.55
C ASP B 175 25.20 -2.74 5.75
N LEU B 176 25.81 -3.42 4.78
CA LEU B 176 27.23 -3.76 4.85
C LEU B 176 27.91 -3.34 3.55
N THR B 177 29.15 -2.87 3.67
CA THR B 177 29.91 -2.42 2.52
C THR B 177 30.24 -3.60 1.60
N THR B 178 30.29 -3.33 0.30
CA THR B 178 30.61 -4.37 -0.67
C THR B 178 31.99 -4.94 -0.42
N TYR B 179 32.09 -6.27 -0.46
CA TYR B 179 33.33 -6.98 -0.21
C TYR B 179 33.28 -8.30 -0.98
N ASP B 180 34.13 -9.24 -0.60
CA ASP B 180 34.13 -10.57 -1.20
C ASP B 180 34.41 -11.59 -0.09
N SER B 181 34.63 -12.84 -0.50
CA SER B 181 34.92 -13.94 0.43
C SER B 181 33.80 -14.11 1.45
N VAL B 182 32.58 -14.31 0.94
CA VAL B 182 31.39 -14.49 1.76
C VAL B 182 30.74 -15.81 1.37
N THR B 183 30.39 -16.61 2.38
CA THR B 183 29.74 -17.89 2.17
C THR B 183 28.40 -17.91 2.90
N ILE B 184 27.37 -18.43 2.23
CA ILE B 184 26.02 -18.50 2.77
C ILE B 184 25.62 -19.96 2.87
N SER B 185 25.18 -20.36 4.07
CA SER B 185 24.74 -21.72 4.30
C SER B 185 23.49 -21.71 5.17
N TRP B 186 22.57 -22.61 4.83
CA TRP B 186 21.32 -22.78 5.57
C TRP B 186 21.46 -23.92 6.58
N THR B 187 21.05 -23.66 7.82
CA THR B 187 21.07 -24.65 8.88
C THR B 187 19.70 -24.71 9.52
N ARG B 188 19.18 -25.92 9.71
CA ARG B 188 17.86 -26.09 10.27
C ARG B 188 17.94 -26.12 11.80
N GLN B 189 16.82 -26.42 12.45
CA GLN B 189 16.76 -26.37 13.91
C GLN B 189 17.69 -27.40 14.54
N ASN B 190 17.74 -28.62 13.99
CA ASN B 190 18.57 -29.66 14.58
C ASN B 190 20.05 -29.32 14.48
N GLY B 191 20.49 -28.84 13.32
CA GLY B 191 21.89 -28.45 13.16
C GLY B 191 22.50 -28.87 11.83
N GLU B 192 21.90 -29.84 11.17
CA GLU B 192 22.43 -30.31 9.89
C GLU B 192 22.16 -29.29 8.80
N ALA B 193 22.91 -29.42 7.71
CA ALA B 193 22.85 -28.49 6.59
C ALA B 193 21.97 -29.04 5.48
N VAL B 194 21.77 -28.23 4.44
CA VAL B 194 20.94 -28.59 3.29
C VAL B 194 21.70 -28.26 2.01
N LYS B 195 21.02 -28.42 0.87
CA LYS B 195 21.66 -28.27 -0.43
C LYS B 195 22.32 -26.90 -0.57
N THR B 196 23.35 -26.85 -1.41
CA THR B 196 24.15 -25.65 -1.59
C THR B 196 23.41 -24.61 -2.43
N HIS B 197 23.59 -23.34 -2.07
CA HIS B 197 23.00 -22.24 -2.81
C HIS B 197 23.68 -22.07 -4.17
N THR B 198 23.03 -21.29 -5.03
CA THR B 198 23.56 -20.95 -6.35
C THR B 198 23.24 -19.49 -6.64
N ASN B 199 23.64 -19.04 -7.84
CA ASN B 199 23.31 -17.71 -8.36
C ASN B 199 23.80 -16.60 -7.42
N ILE B 200 25.13 -16.51 -7.32
CA ILE B 200 25.74 -15.47 -6.51
C ILE B 200 25.31 -14.10 -7.03
N SER B 201 24.89 -13.24 -6.10
CA SER B 201 24.38 -11.92 -6.46
C SER B 201 25.53 -10.94 -6.62
N GLU B 202 25.19 -9.66 -6.78
CA GLU B 202 26.16 -8.58 -6.94
C GLU B 202 25.96 -7.57 -5.81
N SER B 203 26.64 -6.43 -5.92
CA SER B 203 26.57 -5.37 -4.92
C SER B 203 25.67 -4.25 -5.43
N HIS B 204 24.75 -3.80 -4.57
CA HIS B 204 23.93 -2.65 -4.91
C HIS B 204 24.80 -1.40 -5.03
N PRO B 205 24.44 -0.46 -5.90
CA PRO B 205 25.26 0.75 -6.07
C PRO B 205 25.08 1.79 -4.97
N ASN B 206 24.44 1.46 -3.86
CA ASN B 206 24.20 2.40 -2.78
C ASN B 206 25.05 2.07 -1.55
N ALA B 207 26.29 1.66 -1.78
CA ALA B 207 27.22 1.31 -0.70
C ALA B 207 26.66 0.23 0.20
N THR B 208 25.95 -0.73 -0.40
CA THR B 208 25.36 -1.84 0.32
C THR B 208 25.68 -3.14 -0.40
N PHE B 209 26.01 -4.17 0.37
CA PHE B 209 26.33 -5.48 -0.17
C PHE B 209 25.20 -6.46 0.12
N SER B 210 24.93 -7.33 -0.85
CA SER B 210 23.84 -8.30 -0.74
C SER B 210 24.29 -9.63 -1.31
N ALA B 211 23.96 -10.71 -0.61
CA ALA B 211 24.20 -12.06 -1.08
C ALA B 211 22.91 -12.85 -0.97
N VAL B 212 22.61 -13.64 -2.01
CA VAL B 212 21.38 -14.42 -2.09
C VAL B 212 21.73 -15.90 -2.04
N GLY B 213 20.95 -16.66 -1.27
CA GLY B 213 21.16 -18.08 -1.12
C GLY B 213 19.87 -18.87 -1.24
N GLU B 214 19.90 -19.99 -1.93
CA GLU B 214 18.73 -20.80 -2.17
C GLU B 214 18.84 -22.15 -1.48
N ALA B 215 17.70 -22.66 -1.02
CA ALA B 215 17.65 -23.99 -0.41
C ALA B 215 16.26 -24.56 -0.64
N SER B 216 16.20 -25.76 -1.20
CA SER B 216 14.93 -26.42 -1.51
C SER B 216 14.59 -27.37 -0.37
N ILE B 217 13.37 -27.25 0.15
CA ILE B 217 12.91 -28.05 1.28
C ILE B 217 11.52 -28.58 0.96
N SER B 218 11.10 -29.55 1.75
CA SER B 218 9.72 -30.02 1.69
C SER B 218 8.79 -29.00 2.31
N GLU B 219 7.51 -29.05 1.94
CA GLU B 219 6.56 -28.10 2.51
C GLU B 219 6.04 -28.53 3.87
N ASP B 220 6.14 -29.82 4.20
CA ASP B 220 5.59 -30.32 5.45
C ASP B 220 6.30 -29.71 6.66
N ASP B 221 7.63 -29.69 6.64
CA ASP B 221 8.38 -29.12 7.76
C ASP B 221 8.14 -27.62 7.88
N TRP B 222 8.07 -26.91 6.75
CA TRP B 222 7.80 -25.48 6.81
C TRP B 222 6.42 -25.21 7.38
N ASN B 223 5.43 -25.99 6.97
CA ASN B 223 4.08 -25.83 7.52
C ASN B 223 4.07 -26.15 9.02
N SER B 224 4.85 -27.15 9.43
CA SER B 224 4.94 -27.49 10.84
C SER B 224 5.52 -26.34 11.65
N GLY B 225 6.56 -25.69 11.14
CA GLY B 225 7.17 -24.57 11.81
C GLY B 225 8.58 -24.78 12.31
N GLU B 226 9.37 -25.60 11.62
CA GLU B 226 10.73 -25.87 12.05
C GLU B 226 11.57 -24.59 12.02
N ARG B 227 12.48 -24.46 12.97
CA ARG B 227 13.34 -23.29 13.08
C ARG B 227 14.44 -23.37 12.03
N PHE B 228 14.51 -22.38 11.16
CA PHE B 228 15.44 -22.35 10.03
C PHE B 228 16.23 -21.06 10.07
N THR B 229 17.49 -21.13 9.64
CA THR B 229 18.39 -19.98 9.67
C THR B 229 19.51 -20.18 8.66
N CYS B 230 19.83 -19.12 7.91
CA CYS B 230 20.99 -19.12 7.02
C CYS B 230 22.16 -18.43 7.72
N THR B 231 23.36 -18.91 7.45
CA THR B 231 24.57 -18.42 8.10
C THR B 231 25.30 -17.48 7.16
N VAL B 232 25.69 -16.31 7.67
CA VAL B 232 26.42 -15.31 6.91
C VAL B 232 27.74 -15.02 7.61
N THR B 233 28.83 -15.04 6.83
CA THR B 233 30.16 -14.75 7.33
C THR B 233 30.72 -13.54 6.59
N HIS B 234 31.32 -12.62 7.35
CA HIS B 234 31.91 -11.42 6.78
C HIS B 234 33.23 -11.12 7.49
N THR B 235 33.86 -10.02 7.10
CA THR B 235 35.18 -9.69 7.63
C THR B 235 35.09 -8.87 8.90
N ASP B 236 34.34 -7.77 8.88
CA ASP B 236 34.31 -6.88 10.04
C ASP B 236 33.64 -7.52 11.24
N LEU B 237 32.55 -8.26 11.02
CA LEU B 237 31.85 -8.90 12.13
C LEU B 237 32.73 -9.97 12.78
N PRO B 238 32.78 -10.04 14.11
CA PRO B 238 33.60 -11.06 14.75
C PRO B 238 32.94 -12.43 14.77
N SER B 239 31.61 -12.45 14.90
CA SER B 239 30.86 -13.69 14.95
C SER B 239 29.79 -13.70 13.86
N PRO B 240 29.64 -14.79 13.12
CA PRO B 240 28.62 -14.85 12.08
C PRO B 240 27.22 -14.62 12.65
N LEU B 241 26.42 -13.89 11.89
CA LEU B 241 25.09 -13.51 12.36
C LEU B 241 24.05 -14.52 11.88
N LYS B 242 23.11 -14.84 12.77
CA LYS B 242 22.05 -15.81 12.50
C LYS B 242 20.72 -15.08 12.42
N GLN B 243 19.88 -15.49 11.48
CA GLN B 243 18.61 -14.82 11.19
C GLN B 243 17.48 -15.83 11.32
N THR B 244 16.74 -15.76 12.43
CA THR B 244 15.69 -16.74 12.69
C THR B 244 14.48 -16.49 11.80
N ILE B 245 14.02 -17.56 11.14
CA ILE B 245 12.86 -17.52 10.26
C ILE B 245 11.98 -18.72 10.54
N SER B 246 10.68 -18.49 10.73
CA SER B 246 9.72 -19.59 10.99
C SER B 246 8.29 -19.10 10.79
N ARG B 247 7.37 -19.99 10.40
CA ARG B 247 5.95 -19.60 10.19
C ARG B 247 5.07 -20.36 11.18
N PRO B 248 4.21 -19.68 11.98
CA PRO B 248 3.40 -20.34 13.02
C PRO B 248 2.11 -20.99 12.49
N LYS B 249 1.21 -21.39 13.41
CA LYS B 249 -0.04 -22.07 13.01
C LYS B 249 -1.25 -21.43 13.72
N GLY B 250 -1.01 -20.75 14.84
CA GLY B 250 -2.12 -20.16 15.62
C GLY B 250 -2.89 -19.13 14.80
N VAL B 251 -2.32 -18.69 13.68
CA VAL B 251 -3.06 -17.76 12.78
C VAL B 251 -4.35 -18.47 12.34
N ALA B 252 -5.48 -17.77 12.38
CA ALA B 252 -6.77 -18.37 11.98
C ALA B 252 -6.69 -18.80 10.51
N LEU B 253 -7.53 -19.76 10.10
CA LEU B 253 -7.51 -20.24 8.70
C LEU B 253 -8.94 -20.25 8.14
N HIS B 254 -9.48 -19.07 7.84
CA HIS B 254 -10.85 -18.96 7.26
C HIS B 254 -10.75 -18.91 5.73
N ARG B 255 -11.62 -19.63 5.02
CA ARG B 255 -11.60 -19.57 3.57
C ARG B 255 -12.13 -18.23 3.07
N PRO B 256 -11.51 -17.67 2.04
CA PRO B 256 -11.98 -16.39 1.50
C PRO B 256 -13.17 -16.58 0.55
N ASP B 257 -13.75 -15.45 0.15
CA ASP B 257 -14.84 -15.39 -0.82
C ASP B 257 -14.38 -14.54 -1.99
N VAL B 258 -14.89 -14.86 -3.18
CA VAL B 258 -14.45 -14.21 -4.41
C VAL B 258 -15.62 -13.46 -5.04
N TYR B 259 -15.38 -12.22 -5.45
CA TYR B 259 -16.39 -11.41 -6.12
C TYR B 259 -15.76 -10.73 -7.33
N LEU B 260 -16.47 -10.76 -8.45
CA LEU B 260 -16.02 -10.06 -9.66
C LEU B 260 -16.97 -8.91 -9.98
N LEU B 261 -16.40 -7.76 -10.32
CA LEU B 261 -17.17 -6.56 -10.57
C LEU B 261 -16.99 -6.10 -12.01
N PRO B 262 -18.05 -6.05 -12.81
CA PRO B 262 -17.94 -5.56 -14.18
C PRO B 262 -17.74 -4.05 -14.21
N PRO B 263 -17.26 -3.51 -15.32
CA PRO B 263 -17.05 -2.06 -15.41
C PRO B 263 -18.36 -1.29 -15.37
N ALA B 264 -18.27 -0.03 -14.95
CA ALA B 264 -19.45 0.81 -14.86
C ALA B 264 -20.04 1.08 -16.24
N ARG B 265 -21.35 1.29 -16.27
CA ARG B 265 -21.99 1.64 -17.54
C ARG B 265 -21.48 2.97 -18.05
N GLU B 266 -21.14 3.90 -17.15
CA GLU B 266 -20.78 5.26 -17.57
C GLU B 266 -19.32 5.36 -18.03
N GLN B 267 -18.46 4.43 -17.62
CA GLN B 267 -17.11 4.40 -18.17
C GLN B 267 -17.09 3.95 -19.63
N LEU B 268 -18.04 3.11 -20.03
CA LEU B 268 -18.12 2.66 -21.42
C LEU B 268 -18.90 3.64 -22.29
N ASN B 269 -18.52 4.91 -22.21
CA ASN B 269 -19.13 5.94 -23.05
C ASN B 269 -18.03 6.78 -23.66
N LEU B 270 -16.85 6.75 -23.03
CA LEU B 270 -15.67 7.39 -23.59
C LEU B 270 -15.01 6.51 -24.65
N ARG B 271 -15.39 5.24 -24.72
CA ARG B 271 -14.92 4.32 -25.76
C ARG B 271 -13.40 4.21 -25.76
N GLU B 272 -12.80 4.31 -24.58
CA GLU B 272 -11.34 4.35 -24.50
C GLU B 272 -10.75 3.21 -23.68
N SER B 273 -11.37 2.84 -22.56
CA SER B 273 -10.84 1.76 -21.73
C SER B 273 -11.99 1.19 -20.89
N ALA B 274 -11.67 0.11 -20.17
CA ALA B 274 -12.60 -0.50 -19.23
C ALA B 274 -11.80 -1.15 -18.12
N THR B 275 -12.45 -1.37 -16.97
CA THR B 275 -11.77 -1.88 -15.78
C THR B 275 -12.65 -2.93 -15.12
N ILE B 276 -12.07 -4.09 -14.81
CA ILE B 276 -12.75 -5.18 -14.15
C ILE B 276 -12.06 -5.45 -12.82
N THR B 277 -12.85 -5.58 -11.75
CA THR B 277 -12.32 -5.72 -10.40
C THR B 277 -12.69 -7.09 -9.84
N CYS B 278 -11.69 -7.81 -9.36
CA CYS B 278 -11.86 -9.08 -8.67
C CYS B 278 -11.61 -8.84 -7.19
N LEU B 279 -12.61 -9.15 -6.36
CA LEU B 279 -12.64 -8.73 -4.97
C LEU B 279 -12.63 -9.95 -4.07
N VAL B 280 -11.67 -10.03 -3.16
CA VAL B 280 -11.49 -11.16 -2.25
C VAL B 280 -11.56 -10.65 -0.82
N THR B 281 -12.46 -11.23 -0.02
CA THR B 281 -12.69 -10.76 1.34
C THR B 281 -12.78 -11.93 2.31
N GLY B 282 -12.26 -11.72 3.52
CA GLY B 282 -12.45 -12.64 4.62
C GLY B 282 -11.58 -13.87 4.62
N PHE B 283 -10.27 -13.71 4.75
CA PHE B 283 -9.35 -14.85 4.85
C PHE B 283 -8.30 -14.56 5.91
N SER B 284 -7.68 -15.64 6.40
CA SER B 284 -6.57 -15.58 7.33
C SER B 284 -5.74 -16.85 7.12
N PRO B 285 -4.40 -16.75 7.16
CA PRO B 285 -3.54 -15.59 7.38
C PRO B 285 -3.40 -14.68 6.16
N ALA B 286 -2.32 -13.91 6.11
CA ALA B 286 -2.15 -12.82 5.16
C ALA B 286 -1.36 -13.23 3.92
N ASP B 287 -1.56 -14.45 3.42
CA ASP B 287 -0.90 -14.92 2.21
C ASP B 287 -1.96 -15.30 1.18
N VAL B 288 -1.98 -14.58 0.05
CA VAL B 288 -2.91 -14.86 -1.03
C VAL B 288 -2.18 -14.75 -2.36
N PHE B 289 -2.75 -15.38 -3.38
CA PHE B 289 -2.24 -15.34 -4.75
C PHE B 289 -3.40 -15.15 -5.71
N VAL B 290 -3.29 -14.14 -6.57
CA VAL B 290 -4.31 -13.85 -7.57
C VAL B 290 -3.64 -13.74 -8.93
N GLN B 291 -4.27 -14.31 -9.95
CA GLN B 291 -3.80 -14.16 -11.32
C GLN B 291 -5.00 -14.15 -12.24
N TRP B 292 -4.81 -13.59 -13.43
CA TRP B 292 -5.88 -13.42 -14.40
C TRP B 292 -5.66 -14.35 -15.58
N MET B 293 -6.74 -14.99 -16.03
CA MET B 293 -6.70 -16.00 -17.07
C MET B 293 -7.59 -15.58 -18.22
N GLN B 294 -7.06 -15.65 -19.44
CA GLN B 294 -7.83 -15.38 -20.64
C GLN B 294 -7.85 -16.63 -21.51
N ARG B 295 -9.05 -17.05 -21.91
CA ARG B 295 -9.21 -18.26 -22.78
C ARG B 295 -8.19 -19.32 -22.34
N GLY B 296 -8.11 -19.61 -21.05
CA GLY B 296 -7.22 -20.64 -20.58
C GLY B 296 -5.74 -20.34 -20.68
N GLN B 297 -5.38 -19.13 -21.09
CA GLN B 297 -3.99 -18.75 -21.26
C GLN B 297 -3.66 -17.59 -20.34
N PRO B 298 -2.63 -17.70 -19.51
CA PRO B 298 -2.34 -16.63 -18.54
C PRO B 298 -1.96 -15.33 -19.22
N LEU B 299 -2.42 -14.23 -18.64
CA LEU B 299 -2.09 -12.90 -19.13
C LEU B 299 -0.79 -12.41 -18.51
N SER B 300 -0.15 -11.46 -19.19
CA SER B 300 1.12 -10.94 -18.71
C SER B 300 0.91 -10.16 -17.42
N PRO B 301 1.85 -10.25 -16.48
CA PRO B 301 1.69 -9.53 -15.20
C PRO B 301 1.85 -8.02 -15.30
N GLU B 302 1.89 -7.45 -16.51
CA GLU B 302 2.03 -6.02 -16.69
C GLU B 302 0.71 -5.34 -17.07
N LYS B 303 -0.41 -6.07 -17.01
CA LYS B 303 -1.67 -5.48 -17.41
C LYS B 303 -2.67 -5.42 -16.26
N TYR B 304 -2.30 -5.86 -15.06
CA TYR B 304 -3.18 -5.81 -13.91
C TYR B 304 -2.36 -5.46 -12.68
N VAL B 305 -3.03 -4.89 -11.68
CA VAL B 305 -2.40 -4.48 -10.43
C VAL B 305 -3.15 -5.12 -9.28
N THR B 306 -2.40 -5.70 -8.35
CA THR B 306 -2.95 -6.41 -7.20
C THR B 306 -2.57 -5.69 -5.92
N SER B 307 -3.57 -5.48 -5.06
CA SER B 307 -3.38 -4.80 -3.79
C SER B 307 -2.73 -5.75 -2.79
N ALA B 308 -2.17 -5.18 -1.73
CA ALA B 308 -1.64 -6.00 -0.67
C ALA B 308 -2.74 -6.37 0.33
N PRO B 309 -2.60 -7.50 1.04
CA PRO B 309 -3.64 -7.87 2.02
C PRO B 309 -3.67 -6.92 3.20
N MET B 310 -4.75 -6.14 3.30
CA MET B 310 -4.96 -5.13 4.32
C MET B 310 -6.24 -5.41 5.11
N PRO B 311 -6.22 -5.16 6.42
CA PRO B 311 -7.27 -5.71 7.30
C PRO B 311 -8.62 -5.03 7.14
N GLU B 312 -9.67 -5.80 7.43
CA GLU B 312 -11.02 -5.24 7.50
C GLU B 312 -11.21 -4.47 8.80
N PRO B 313 -11.85 -3.30 8.77
CA PRO B 313 -12.21 -2.65 10.04
C PRO B 313 -13.18 -3.45 10.88
N GLN B 314 -14.11 -4.18 10.25
CA GLN B 314 -15.16 -4.89 10.99
C GLN B 314 -14.76 -6.33 11.33
N ALA B 315 -13.58 -6.52 11.90
CA ALA B 315 -13.11 -7.85 12.28
C ALA B 315 -11.84 -7.74 13.11
N PRO B 316 -11.66 -8.59 14.11
CA PRO B 316 -10.39 -8.58 14.86
C PRO B 316 -9.21 -8.95 13.99
N GLY B 317 -9.23 -10.16 13.42
CA GLY B 317 -8.25 -10.52 12.42
C GLY B 317 -8.85 -11.19 11.21
N ARG B 318 -8.83 -10.47 10.08
CA ARG B 318 -9.27 -10.89 8.75
C ARG B 318 -8.74 -9.86 7.78
N TYR B 319 -8.66 -10.22 6.51
CA TYR B 319 -8.08 -9.34 5.51
C TYR B 319 -8.90 -9.36 4.23
N PHE B 320 -8.51 -8.48 3.30
CA PHE B 320 -9.08 -8.48 1.96
C PHE B 320 -8.02 -7.94 1.01
N ALA B 321 -8.24 -8.15 -0.29
CA ALA B 321 -7.33 -7.62 -1.30
C ALA B 321 -8.14 -7.37 -2.57
N HIS B 322 -7.56 -6.57 -3.46
CA HIS B 322 -8.25 -6.15 -4.67
C HIS B 322 -7.33 -6.31 -5.86
N SER B 323 -7.93 -6.42 -7.05
CA SER B 323 -7.18 -6.44 -8.30
C SER B 323 -8.06 -5.91 -9.40
N ILE B 324 -7.51 -5.05 -10.25
CA ILE B 324 -8.22 -4.49 -11.38
C ILE B 324 -7.39 -4.69 -12.65
N LEU B 325 -8.09 -5.01 -13.74
CA LEU B 325 -7.46 -5.28 -15.03
C LEU B 325 -7.97 -4.28 -16.04
N THR B 326 -7.08 -3.78 -16.89
CA THR B 326 -7.43 -2.76 -17.88
C THR B 326 -7.51 -3.42 -19.26
N VAL B 327 -8.68 -3.32 -19.88
CA VAL B 327 -8.90 -3.86 -21.21
C VAL B 327 -9.50 -2.78 -22.10
N SER B 328 -9.82 -3.14 -23.34
CA SER B 328 -10.46 -2.21 -24.26
C SER B 328 -11.94 -2.58 -24.44
N GLU B 329 -12.76 -1.55 -24.64
CA GLU B 329 -14.22 -1.76 -24.75
C GLU B 329 -14.51 -2.82 -25.81
N GLU B 330 -14.07 -2.59 -27.05
CA GLU B 330 -14.38 -3.56 -28.14
C GLU B 330 -14.08 -4.97 -27.62
N GLU B 331 -13.09 -5.09 -26.74
CA GLU B 331 -12.75 -6.41 -26.14
C GLU B 331 -13.82 -6.80 -25.12
N TRP B 332 -14.13 -5.89 -24.18
CA TRP B 332 -15.10 -6.23 -23.11
C TRP B 332 -16.48 -6.46 -23.73
N ASN B 333 -16.94 -5.55 -24.59
CA ASN B 333 -18.29 -5.66 -25.19
C ASN B 333 -18.31 -6.84 -26.18
N THR B 334 -17.22 -7.03 -26.93
CA THR B 334 -17.18 -8.11 -27.96
C THR B 334 -15.80 -8.77 -27.95
N GLY B 335 -15.50 -9.56 -26.92
CA GLY B 335 -14.20 -10.26 -26.84
C GLY B 335 -14.32 -11.59 -26.13
N GLU B 336 -13.68 -11.73 -24.96
CA GLU B 336 -13.72 -13.00 -24.20
C GLU B 336 -13.85 -12.71 -22.71
N THR B 337 -13.84 -13.76 -21.88
CA THR B 337 -13.97 -13.61 -20.40
C THR B 337 -12.59 -13.67 -19.75
N TYR B 338 -12.30 -12.75 -18.81
CA TYR B 338 -10.99 -12.76 -18.10
C TYR B 338 -11.20 -13.31 -16.69
N THR B 339 -11.20 -14.63 -16.53
CA THR B 339 -11.41 -15.24 -15.23
C THR B 339 -10.30 -14.88 -14.26
N CYS B 340 -10.68 -14.57 -13.03
CA CYS B 340 -9.73 -14.35 -11.94
C CYS B 340 -9.73 -15.56 -11.05
N VAL B 341 -8.55 -16.16 -10.85
CA VAL B 341 -8.40 -17.37 -10.06
C VAL B 341 -7.52 -17.04 -8.86
N VAL B 342 -7.97 -17.43 -7.67
CA VAL B 342 -7.31 -17.09 -6.43
C VAL B 342 -6.93 -18.38 -5.71
N ALA B 343 -5.74 -18.39 -5.13
CA ALA B 343 -5.21 -19.56 -4.43
C ALA B 343 -4.92 -19.19 -2.99
N HIS B 344 -5.69 -19.74 -2.06
CA HIS B 344 -5.47 -19.53 -0.64
C HIS B 344 -5.32 -20.88 0.07
N GLU B 345 -4.44 -20.90 1.07
CA GLU B 345 -4.09 -22.13 1.76
C GLU B 345 -5.20 -22.66 2.64
N ALA B 346 -6.26 -21.90 2.88
CA ALA B 346 -7.42 -22.37 3.62
C ALA B 346 -8.49 -22.97 2.73
N LEU B 347 -8.31 -22.89 1.41
CA LEU B 347 -9.28 -23.45 0.49
C LEU B 347 -9.14 -24.97 0.41
N PRO B 348 -10.21 -25.68 0.04
CA PRO B 348 -10.13 -27.15 -0.06
C PRO B 348 -9.11 -27.61 -1.09
N ASN B 349 -9.26 -27.15 -2.33
CA ASN B 349 -8.34 -27.50 -3.40
C ASN B 349 -7.35 -26.39 -3.72
N ARG B 350 -7.34 -25.32 -2.93
CA ARG B 350 -6.47 -24.17 -3.11
C ARG B 350 -6.69 -23.45 -4.44
N VAL B 351 -7.80 -23.72 -5.12
CA VAL B 351 -8.08 -23.08 -6.41
C VAL B 351 -9.55 -22.70 -6.46
N THR B 352 -9.83 -21.49 -6.94
CA THR B 352 -11.19 -21.01 -7.12
C THR B 352 -11.24 -20.07 -8.31
N GLU B 353 -12.17 -20.32 -9.23
CA GLU B 353 -12.30 -19.52 -10.44
C GLU B 353 -13.68 -18.92 -10.53
N ARG B 354 -13.77 -17.69 -11.05
CA ARG B 354 -15.03 -17.04 -11.34
C ARG B 354 -14.99 -16.47 -12.76
N THR B 355 -16.15 -16.42 -13.40
CA THR B 355 -16.25 -16.01 -14.79
C THR B 355 -17.20 -14.82 -14.93
N VAL B 356 -16.78 -13.83 -15.70
CA VAL B 356 -17.58 -12.64 -15.95
C VAL B 356 -17.53 -12.29 -17.42
N ASP B 357 -18.67 -11.95 -18.00
CA ASP B 357 -18.78 -11.62 -19.41
C ASP B 357 -19.59 -10.35 -19.59
N LYS B 358 -19.93 -10.03 -20.85
CA LYS B 358 -20.76 -8.83 -21.11
C LYS B 358 -22.18 -9.08 -20.60
N SER B 359 -22.70 -10.29 -20.78
CA SER B 359 -24.08 -10.61 -20.38
C SER B 359 -24.02 -11.53 -19.17
N THR B 360 -24.00 -10.92 -17.98
CA THR B 360 -23.95 -11.67 -16.74
C THR B 360 -25.15 -11.36 -15.86
#